data_2IT4
#
_entry.id   2IT4
#
_cell.length_a   62.580
_cell.length_b   69.510
_cell.length_c   120.440
_cell.angle_alpha   90.00
_cell.angle_beta   90.00
_cell.angle_gamma   90.00
#
_symmetry.space_group_name_H-M   'P 21 21 21'
#
loop_
_entity.id
_entity.type
_entity.pdbx_description
1 polymer 'Carbonic anhydrase 1'
2 non-polymer 'ZINC ION'
3 non-polymer 'PHOSPHONOFORMIC ACID'
4 water water
#
_entity_poly.entity_id   1
_entity_poly.type   'polypeptide(L)'
_entity_poly.pdbx_seq_one_letter_code
;WGYDDKNGPEQWSKLYPIANGNNQSPVDIKTSETKHDTSLKPISVSYNPATAKEIINVGHSFHVNFEDNDNRSVLKGGPF
SDSYRLFQFHFHWGSTNEHGSEHTVDGVKYSAELHVAHWNSAKYSSLAEAASKADGLAVIGVLMKVGEANPKLQKVLDAL
QAIKTKGKRAPFTNFDPSTLLPSSLDFWTYPGSLTHPPLYESVTWIICKESISVSSEQLAQFRSLLSNVEGDNAVPMQHN
NRPTQPLKGRTVRASF
;
_entity_poly.pdbx_strand_id   A,B
#
# COMPACT_ATOMS: atom_id res chain seq x y z
N TRP A 1 9.09 -27.41 -20.70
CA TRP A 1 8.53 -26.07 -20.39
C TRP A 1 8.98 -25.12 -21.48
N GLY A 2 8.20 -24.06 -21.69
CA GLY A 2 8.55 -23.05 -22.68
C GLY A 2 7.68 -21.82 -22.54
N TYR A 3 7.40 -21.15 -23.64
CA TYR A 3 6.59 -19.94 -23.59
C TYR A 3 5.35 -19.97 -24.49
N ASP A 4 4.99 -21.17 -24.96
CA ASP A 4 3.80 -21.40 -25.77
C ASP A 4 2.63 -21.70 -24.85
N ASP A 5 1.40 -21.70 -25.39
CA ASP A 5 0.20 -21.96 -24.59
C ASP A 5 0.22 -23.38 -23.99
N LYS A 6 0.58 -24.33 -24.83
CA LYS A 6 0.91 -25.71 -24.50
C LYS A 6 1.75 -25.86 -23.22
N ASN A 7 2.82 -25.07 -23.11
CA ASN A 7 3.88 -25.34 -22.14
C ASN A 7 4.40 -24.09 -21.40
N GLY A 8 3.60 -23.02 -21.46
CA GLY A 8 4.00 -21.72 -21.02
C GLY A 8 3.74 -21.50 -19.56
N PRO A 9 3.97 -20.26 -19.08
CA PRO A 9 3.94 -19.85 -17.67
C PRO A 9 2.72 -20.30 -16.89
N GLU A 10 1.56 -20.31 -17.54
CA GLU A 10 0.34 -20.75 -16.87
C GLU A 10 0.28 -22.26 -16.75
N GLN A 11 1.08 -22.96 -17.54
CA GLN A 11 1.19 -24.40 -17.47
C GLN A 11 2.26 -24.88 -16.47
N TRP A 12 3.18 -23.99 -16.05
CA TRP A 12 4.35 -24.43 -15.26
C TRP A 12 4.03 -25.07 -13.88
N SER A 13 2.94 -24.61 -13.24
CA SER A 13 2.27 -25.26 -12.08
C SER A 13 2.33 -26.79 -12.10
N LYS A 14 2.08 -27.36 -13.27
CA LYS A 14 1.90 -28.79 -13.44
C LYS A 14 3.13 -29.56 -13.01
N LEU A 15 4.30 -29.05 -13.40
CA LEU A 15 5.58 -29.74 -13.22
C LEU A 15 6.42 -29.02 -12.18
N TYR A 16 6.18 -27.71 -12.04
CA TYR A 16 6.83 -26.90 -11.00
C TYR A 16 5.78 -26.21 -10.12
N PRO A 17 5.20 -26.95 -9.14
CA PRO A 17 4.22 -26.37 -8.22
C PRO A 17 4.62 -25.03 -7.58
N ILE A 18 5.91 -24.77 -7.40
CA ILE A 18 6.41 -23.51 -6.83
C ILE A 18 5.99 -22.25 -7.61
N ALA A 19 5.50 -22.45 -8.83
CA ALA A 19 5.01 -21.34 -9.68
C ALA A 19 3.87 -20.55 -8.99
N ASN A 20 3.12 -21.26 -8.15
CA ASN A 20 2.06 -20.62 -7.36
C ASN A 20 2.49 -20.26 -5.94
N GLY A 21 3.81 -20.14 -5.74
CA GLY A 21 4.36 -19.79 -4.43
C GLY A 21 4.14 -18.37 -3.96
N ASN A 22 4.75 -18.06 -2.80
CA ASN A 22 4.70 -16.75 -2.12
C ASN A 22 5.85 -15.81 -2.44
N ASN A 23 6.93 -16.33 -3.05
CA ASN A 23 8.05 -15.48 -3.43
C ASN A 23 8.35 -15.55 -4.92
N GLN A 24 7.30 -15.46 -5.73
CA GLN A 24 7.40 -15.54 -7.18
C GLN A 24 7.70 -14.18 -7.84
N SER A 25 8.43 -14.28 -8.96
CA SER A 25 8.94 -13.16 -9.74
C SER A 25 8.64 -13.40 -11.20
N PRO A 26 8.44 -12.31 -11.96
CA PRO A 26 8.53 -10.89 -11.58
C PRO A 26 7.33 -10.29 -10.79
N VAL A 27 7.50 -9.05 -10.34
CA VAL A 27 6.44 -8.32 -9.66
C VAL A 27 6.19 -6.97 -10.32
N ASP A 28 4.99 -6.46 -10.14
CA ASP A 28 4.74 -5.03 -10.34
C ASP A 28 5.15 -4.24 -9.10
N ILE A 29 6.07 -3.29 -9.32
CA ILE A 29 6.52 -2.37 -8.30
C ILE A 29 5.66 -1.10 -8.34
N LYS A 30 4.86 -0.89 -7.27
CA LYS A 30 4.08 0.33 -7.03
C LYS A 30 4.88 1.30 -6.19
N THR A 31 5.18 2.47 -6.74
CA THR A 31 6.17 3.36 -6.12
C THR A 31 5.65 4.08 -4.86
N SER A 32 4.33 4.18 -4.73
CA SER A 32 3.74 4.79 -3.54
C SER A 32 3.72 3.80 -2.35
N GLU A 33 3.94 2.51 -2.64
CA GLU A 33 3.87 1.44 -1.62
C GLU A 33 5.24 0.81 -1.28
N THR A 34 6.30 1.35 -1.88
CA THR A 34 7.66 0.97 -1.52
C THR A 34 8.03 1.70 -0.22
N LYS A 35 8.85 1.05 0.60
CA LYS A 35 9.41 1.70 1.79
C LYS A 35 10.89 2.02 1.65
N HIS A 36 11.25 3.30 1.79
CA HIS A 36 12.65 3.71 1.84
C HIS A 36 13.35 3.06 3.02
N ASP A 37 14.39 2.28 2.74
CA ASP A 37 15.19 1.62 3.77
C ASP A 37 16.51 2.33 3.88
N THR A 38 16.75 2.86 5.07
CA THR A 38 17.93 3.66 5.35
C THR A 38 19.14 2.77 5.59
N SER A 39 18.92 1.49 5.91
CA SER A 39 20.05 0.54 6.05
C SER A 39 20.73 0.09 4.74
N LEU A 40 20.01 0.20 3.61
CA LEU A 40 20.55 -0.15 2.30
C LEU A 40 21.79 0.67 1.94
N LYS A 41 22.87 -0.03 1.67
CA LYS A 41 24.08 0.62 1.21
C LYS A 41 24.09 0.68 -0.32
N PRO A 42 24.91 1.59 -0.91
CA PRO A 42 25.14 1.54 -2.36
C PRO A 42 25.31 0.12 -2.89
N ILE A 43 24.82 -0.10 -4.11
CA ILE A 43 25.19 -1.24 -4.93
C ILE A 43 26.61 -0.98 -5.44
N SER A 44 27.51 -1.93 -5.21
CA SER A 44 28.85 -1.87 -5.80
C SER A 44 29.13 -3.12 -6.67
N VAL A 45 29.40 -2.91 -7.97
CA VAL A 45 29.88 -3.99 -8.82
C VAL A 45 31.35 -3.81 -9.18
N SER A 46 32.08 -4.92 -9.30
CA SER A 46 33.43 -4.87 -9.84
C SER A 46 33.66 -6.11 -10.65
N TYR A 47 33.53 -5.99 -11.95
CA TYR A 47 33.55 -7.14 -12.82
C TYR A 47 34.84 -7.12 -13.64
N ASN A 48 35.30 -8.31 -14.01
CA ASN A 48 36.58 -8.46 -14.68
C ASN A 48 36.30 -8.97 -16.09
N PRO A 49 36.64 -8.17 -17.12
CA PRO A 49 36.36 -8.58 -18.50
C PRO A 49 36.91 -10.00 -18.79
N ALA A 50 37.99 -10.36 -18.09
CA ALA A 50 38.65 -11.65 -18.28
C ALA A 50 37.79 -12.85 -17.86
N THR A 51 36.78 -12.60 -17.01
CA THR A 51 35.89 -13.67 -16.59
C THR A 51 34.84 -14.05 -17.64
N ALA A 52 34.58 -13.16 -18.61
CA ALA A 52 33.62 -13.48 -19.67
C ALA A 52 34.04 -14.77 -20.38
N LYS A 53 33.09 -15.68 -20.57
CA LYS A 53 33.42 -17.06 -20.98
C LYS A 53 32.79 -17.47 -22.31
N GLU A 54 31.46 -17.55 -22.37
CA GLU A 54 30.78 -18.11 -23.54
C GLU A 54 29.39 -17.50 -23.75
N ILE A 55 28.89 -17.62 -24.96
CA ILE A 55 27.50 -17.32 -25.26
C ILE A 55 26.79 -18.57 -25.82
N ILE A 56 25.54 -18.83 -25.38
CA ILE A 56 24.88 -20.11 -25.65
C ILE A 56 23.41 -19.87 -26.00
N ASN A 57 22.94 -20.55 -27.03
CA ASN A 57 21.55 -20.51 -27.38
C ASN A 57 20.87 -21.67 -26.65
N VAL A 58 19.96 -21.32 -25.72
CA VAL A 58 19.34 -22.30 -24.80
C VAL A 58 17.92 -22.64 -25.22
N GLY A 59 17.60 -22.36 -26.48
CA GLY A 59 16.33 -22.71 -27.03
C GLY A 59 15.24 -21.69 -26.77
N HIS A 60 15.08 -21.29 -25.51
CA HIS A 60 14.10 -20.25 -25.13
C HIS A 60 14.77 -18.86 -25.01
N SER A 61 16.10 -18.84 -24.98
CA SER A 61 16.85 -17.60 -24.79
C SER A 61 18.31 -17.85 -25.17
N PHE A 62 19.16 -16.92 -24.75
CA PHE A 62 20.60 -17.03 -24.90
C PHE A 62 21.22 -16.48 -23.65
N HIS A 63 22.31 -17.12 -23.25
CA HIS A 63 23.01 -16.83 -22.02
C HIS A 63 24.40 -16.43 -22.35
N VAL A 64 24.90 -15.45 -21.60
CA VAL A 64 26.30 -15.10 -21.59
C VAL A 64 26.89 -15.49 -20.24
N ASN A 65 27.64 -16.59 -20.25
CA ASN A 65 28.18 -17.15 -18.99
C ASN A 65 29.59 -16.63 -18.70
N PHE A 66 29.89 -16.63 -17.40
CA PHE A 66 31.16 -16.12 -16.86
C PHE A 66 31.86 -17.21 -16.07
N GLU A 67 33.19 -17.15 -16.07
CA GLU A 67 34.02 -17.98 -15.20
C GLU A 67 33.76 -17.62 -13.77
N ASP A 68 33.29 -18.59 -13.00
CA ASP A 68 32.88 -18.33 -11.62
C ASP A 68 33.71 -19.13 -10.59
N ASN A 69 34.97 -19.46 -10.95
CA ASN A 69 35.89 -20.23 -10.12
C ASN A 69 36.48 -19.43 -8.97
N ASP A 70 36.58 -18.12 -9.15
CA ASP A 70 37.11 -17.24 -8.11
C ASP A 70 36.35 -15.90 -7.99
N ASN A 71 36.88 -14.95 -7.23
CA ASN A 71 36.20 -13.65 -6.99
C ASN A 71 36.67 -12.43 -7.81
N ARG A 72 37.08 -12.65 -9.05
CA ARG A 72 37.45 -11.54 -9.94
C ARG A 72 36.26 -10.65 -10.37
N SER A 73 35.05 -11.22 -10.32
CA SER A 73 33.80 -10.47 -10.66
C SER A 73 32.73 -10.64 -9.57
N VAL A 74 32.48 -9.56 -8.84
CA VAL A 74 31.59 -9.64 -7.68
C VAL A 74 30.58 -8.49 -7.58
N LEU A 75 29.42 -8.83 -7.01
CA LEU A 75 28.44 -7.86 -6.56
C LEU A 75 28.49 -7.80 -5.02
N LYS A 76 28.49 -6.60 -4.45
CA LYS A 76 28.30 -6.43 -2.99
C LYS A 76 27.54 -5.14 -2.64
N GLY A 77 27.38 -4.86 -1.35
CA GLY A 77 26.60 -3.71 -0.88
C GLY A 77 25.10 -3.96 -1.02
N GLY A 78 24.32 -2.89 -1.11
CA GLY A 78 22.86 -3.01 -1.12
C GLY A 78 22.33 -3.69 0.15
N PRO A 79 21.53 -4.76 0.00
CA PRO A 79 21.02 -5.51 1.14
C PRO A 79 22.00 -6.57 1.66
N PHE A 80 23.16 -6.72 1.02
CA PHE A 80 24.04 -7.85 1.29
C PHE A 80 25.17 -7.55 2.25
N SER A 81 25.53 -8.56 3.04
CA SER A 81 26.81 -8.56 3.74
C SER A 81 27.67 -9.65 3.14
N ASP A 82 27.03 -10.56 2.42
CA ASP A 82 27.75 -11.56 1.64
C ASP A 82 28.10 -10.95 0.27
N SER A 83 29.31 -11.24 -0.19
CA SER A 83 29.68 -10.90 -1.55
C SER A 83 29.17 -12.00 -2.52
N TYR A 84 28.65 -11.58 -3.67
CA TYR A 84 28.01 -12.49 -4.63
C TYR A 84 28.79 -12.51 -5.93
N ARG A 85 28.96 -13.71 -6.50
CA ARG A 85 29.83 -13.93 -7.67
C ARG A 85 29.09 -13.90 -9.01
N LEU A 86 29.53 -13.04 -9.93
CA LEU A 86 28.95 -13.05 -11.28
C LEU A 86 29.03 -14.43 -12.01
N PHE A 87 27.93 -14.87 -12.64
CA PHE A 87 28.00 -16.07 -13.47
C PHE A 87 27.31 -15.97 -14.81
N GLN A 88 26.37 -15.04 -14.94
CA GLN A 88 25.57 -14.96 -16.17
C GLN A 88 24.95 -13.59 -16.37
N PHE A 89 24.77 -13.21 -17.64
CA PHE A 89 23.74 -12.23 -17.96
C PHE A 89 22.91 -12.74 -19.12
N HIS A 90 21.65 -12.30 -19.19
CA HIS A 90 20.73 -12.68 -20.26
C HIS A 90 19.59 -11.68 -20.31
N PHE A 91 18.75 -11.78 -21.34
CA PHE A 91 17.62 -10.85 -21.53
C PHE A 91 16.31 -11.59 -21.52
N HIS A 92 15.22 -10.83 -21.30
CA HIS A 92 13.87 -11.27 -21.63
C HIS A 92 13.30 -10.24 -22.55
N TRP A 93 12.49 -10.69 -23.50
CA TRP A 93 11.86 -9.76 -24.44
C TRP A 93 10.43 -10.26 -24.74
N GLY A 94 9.64 -9.44 -25.43
CA GLY A 94 8.25 -9.81 -25.69
C GLY A 94 8.05 -9.84 -27.19
N SER A 95 6.88 -10.31 -27.62
CA SER A 95 6.63 -10.40 -29.06
C SER A 95 6.46 -9.04 -29.73
N THR A 96 6.22 -8.01 -28.92
CA THR A 96 6.07 -6.63 -29.42
C THR A 96 6.88 -5.69 -28.52
N ASN A 97 7.17 -4.48 -29.00
CA ASN A 97 7.83 -3.43 -28.22
C ASN A 97 7.12 -2.96 -26.97
N GLU A 98 5.79 -3.09 -26.97
CA GLU A 98 4.94 -2.58 -25.89
C GLU A 98 5.25 -3.25 -24.55
N HIS A 99 5.42 -4.57 -24.59
CA HIS A 99 5.68 -5.38 -23.39
C HIS A 99 6.79 -6.37 -23.75
N GLY A 100 7.80 -6.45 -22.90
CA GLY A 100 8.95 -7.34 -23.16
C GLY A 100 9.65 -7.58 -21.86
N SER A 101 9.56 -6.59 -20.96
CA SER A 101 10.11 -6.68 -19.62
C SER A 101 9.34 -7.69 -18.82
N GLU A 102 9.90 -8.08 -17.68
CA GLU A 102 9.20 -8.98 -16.79
C GLU A 102 8.67 -8.18 -15.64
N HIS A 103 9.56 -7.52 -14.92
CA HIS A 103 9.16 -6.55 -13.92
C HIS A 103 8.41 -5.41 -14.58
N THR A 104 7.45 -4.85 -13.83
CA THR A 104 6.73 -3.63 -14.25
C THR A 104 6.80 -2.59 -13.11
N VAL A 105 6.71 -1.30 -13.47
CA VAL A 105 6.74 -0.21 -12.49
C VAL A 105 5.51 0.68 -12.64
N ASP A 106 4.73 0.73 -11.57
CA ASP A 106 3.42 1.34 -11.60
C ASP A 106 2.68 0.91 -12.86
N GLY A 107 2.68 -0.40 -13.12
CA GLY A 107 1.97 -0.98 -14.27
C GLY A 107 2.55 -0.71 -15.64
N VAL A 108 3.61 0.07 -15.71
CA VAL A 108 4.25 0.31 -16.99
C VAL A 108 5.13 -0.88 -17.35
N LYS A 109 4.78 -1.51 -18.47
CA LYS A 109 5.59 -2.55 -19.09
C LYS A 109 6.67 -1.92 -20.01
N TYR A 110 7.89 -2.45 -19.95
CA TYR A 110 9.02 -2.03 -20.79
C TYR A 110 9.24 -3.03 -21.96
N SER A 111 10.21 -2.76 -22.84
CA SER A 111 10.34 -3.54 -24.08
CA SER A 111 10.35 -3.53 -24.09
C SER A 111 11.14 -4.84 -23.97
N ALA A 112 11.86 -4.98 -22.86
CA ALA A 112 12.73 -6.12 -22.59
C ALA A 112 13.36 -5.84 -21.24
N GLU A 113 14.13 -6.81 -20.75
CA GLU A 113 14.80 -6.71 -19.45
C GLU A 113 16.15 -7.41 -19.46
N LEU A 114 17.13 -6.80 -18.83
CA LEU A 114 18.40 -7.44 -18.65
C LEU A 114 18.44 -8.01 -17.25
N HIS A 115 18.75 -9.28 -17.13
CA HIS A 115 19.08 -9.87 -15.83
C HIS A 115 20.56 -10.18 -15.73
N VAL A 116 21.20 -9.65 -14.70
CA VAL A 116 22.61 -9.92 -14.38
C VAL A 116 22.75 -10.72 -13.09
N ALA A 117 23.18 -11.97 -13.20
CA ALA A 117 23.04 -12.98 -12.14
C ALA A 117 24.33 -13.37 -11.40
N HIS A 118 24.19 -13.47 -10.07
CA HIS A 118 25.30 -13.71 -9.15
C HIS A 118 24.89 -14.81 -8.16
N TRP A 119 25.87 -15.58 -7.69
CA TRP A 119 25.57 -16.54 -6.65
C TRP A 119 26.51 -16.33 -5.46
N ASN A 120 26.03 -16.79 -4.32
CA ASN A 120 26.65 -16.57 -3.02
C ASN A 120 27.85 -17.49 -2.77
N SER A 121 29.03 -17.02 -3.15
CA SER A 121 30.27 -17.78 -2.95
C SER A 121 30.79 -17.66 -1.50
N ALA A 122 30.22 -16.76 -0.71
CA ALA A 122 30.60 -16.63 0.68
C ALA A 122 30.01 -17.77 1.49
N LYS A 123 28.85 -18.29 1.06
CA LYS A 123 28.18 -19.37 1.76
C LYS A 123 28.17 -20.75 1.08
N TYR A 124 28.31 -20.79 -0.25
CA TYR A 124 28.19 -22.03 -1.00
C TYR A 124 29.38 -22.16 -1.95
N SER A 125 29.59 -23.35 -2.49
CA SER A 125 30.82 -23.68 -3.27
C SER A 125 30.58 -23.85 -4.78
N SER A 126 29.34 -23.69 -5.19
CA SER A 126 28.96 -23.76 -6.59
C SER A 126 27.58 -23.13 -6.74
N LEU A 127 27.35 -22.65 -7.95
CA LEU A 127 26.05 -22.17 -8.40
C LEU A 127 24.98 -23.22 -8.15
N ALA A 128 25.28 -24.48 -8.49
CA ALA A 128 24.33 -25.60 -8.31
C ALA A 128 23.82 -25.66 -6.90
N GLU A 129 24.71 -25.53 -5.90
CA GLU A 129 24.32 -25.55 -4.50
C GLU A 129 23.56 -24.27 -4.06
N ALA A 130 24.01 -23.11 -4.54
CA ALA A 130 23.38 -21.84 -4.16
C ALA A 130 21.99 -21.66 -4.79
N ALA A 131 21.81 -22.26 -5.97
CA ALA A 131 20.59 -22.09 -6.79
C ALA A 131 19.25 -22.29 -6.09
N SER A 132 19.20 -23.23 -5.14
CA SER A 132 17.98 -23.63 -4.41
C SER A 132 17.86 -22.98 -3.02
N LYS A 133 18.82 -22.13 -2.66
CA LYS A 133 18.88 -21.57 -1.32
C LYS A 133 18.28 -20.16 -1.30
N ALA A 134 17.53 -19.84 -0.23
CA ALA A 134 16.83 -18.57 -0.09
C ALA A 134 17.78 -17.37 -0.24
N ASP A 135 19.00 -17.50 0.29
CA ASP A 135 19.99 -16.44 0.19
C ASP A 135 21.02 -16.73 -0.90
N GLY A 136 20.71 -17.69 -1.77
CA GLY A 136 21.66 -18.15 -2.81
C GLY A 136 22.01 -17.19 -3.93
N LEU A 137 21.00 -16.58 -4.57
CA LEU A 137 21.22 -15.76 -5.76
C LEU A 137 20.94 -14.27 -5.54
N ALA A 138 21.59 -13.42 -6.32
CA ALA A 138 21.36 -11.99 -6.30
C ALA A 138 21.35 -11.62 -7.77
N VAL A 139 20.28 -10.96 -8.20
CA VAL A 139 20.11 -10.66 -9.62
C VAL A 139 19.71 -9.21 -9.75
N ILE A 140 20.50 -8.47 -10.54
CA ILE A 140 20.17 -7.12 -10.95
C ILE A 140 19.28 -7.17 -12.18
N GLY A 141 18.07 -6.61 -12.05
CA GLY A 141 17.23 -6.34 -13.17
C GLY A 141 17.30 -4.91 -13.61
N VAL A 142 17.50 -4.75 -14.91
CA VAL A 142 17.52 -3.46 -15.61
C VAL A 142 16.43 -3.43 -16.68
N LEU A 143 15.47 -2.52 -16.51
CA LEU A 143 14.43 -2.31 -17.52
C LEU A 143 15.02 -1.70 -18.80
N MET A 144 14.51 -2.17 -19.93
CA MET A 144 14.98 -1.76 -21.26
C MET A 144 13.85 -1.07 -22.03
N LYS A 145 14.09 0.22 -22.30
CA LYS A 145 13.09 1.14 -22.85
C LYS A 145 13.41 1.42 -24.30
N VAL A 146 12.47 1.10 -25.19
CA VAL A 146 12.65 1.28 -26.63
C VAL A 146 12.85 2.77 -26.98
N GLY A 147 13.85 3.01 -27.81
CA GLY A 147 14.22 4.35 -28.27
C GLY A 147 15.48 4.19 -29.08
N GLU A 148 16.52 4.89 -28.64
CA GLU A 148 17.86 4.98 -29.27
C GLU A 148 18.65 3.67 -29.19
N ALA A 149 19.32 3.30 -30.29
CA ALA A 149 20.21 2.15 -30.28
C ALA A 149 21.21 2.23 -29.14
N ASN A 150 21.37 1.13 -28.41
CA ASN A 150 22.30 1.06 -27.30
C ASN A 150 23.58 0.45 -27.84
N PRO A 151 24.60 1.29 -28.10
CA PRO A 151 25.84 0.72 -28.64
C PRO A 151 26.51 -0.26 -27.68
N LYS A 152 26.29 -0.10 -26.37
CA LYS A 152 26.87 -1.03 -25.40
C LYS A 152 26.41 -2.47 -25.67
N LEU A 153 25.20 -2.66 -26.20
CA LEU A 153 24.72 -3.99 -26.61
C LEU A 153 25.49 -4.62 -27.77
N GLN A 154 26.39 -3.87 -28.40
CA GLN A 154 26.95 -4.22 -29.71
C GLN A 154 27.58 -5.58 -29.76
N LYS A 155 28.56 -5.82 -28.89
CA LYS A 155 29.28 -7.09 -28.89
C LYS A 155 28.28 -8.23 -28.73
N VAL A 156 27.30 -8.03 -27.85
CA VAL A 156 26.32 -9.08 -27.60
C VAL A 156 25.62 -9.49 -28.90
N LEU A 157 24.89 -8.54 -29.49
CA LEU A 157 24.11 -8.77 -30.73
C LEU A 157 24.96 -9.22 -31.92
N ASP A 158 26.13 -8.60 -32.06
CA ASP A 158 27.17 -9.04 -32.98
C ASP A 158 27.49 -10.52 -32.84
N ALA A 159 27.40 -11.04 -31.61
CA ALA A 159 27.73 -12.45 -31.29
C ALA A 159 26.65 -13.42 -31.71
N LEU A 160 25.41 -12.97 -31.83
CA LEU A 160 24.29 -13.90 -32.03
C LEU A 160 24.32 -14.63 -33.38
N GLN A 161 25.03 -14.08 -34.35
CA GLN A 161 25.25 -14.80 -35.62
C GLN A 161 25.83 -16.21 -35.45
N ALA A 162 26.65 -16.41 -34.41
CA ALA A 162 27.39 -17.64 -34.22
C ALA A 162 26.63 -18.67 -33.39
N ILE A 163 25.45 -18.29 -32.87
CA ILE A 163 24.63 -19.17 -32.05
C ILE A 163 23.16 -19.15 -32.48
N LYS A 164 22.96 -19.19 -33.79
CA LYS A 164 21.65 -18.94 -34.35
C LYS A 164 20.62 -19.97 -33.93
N THR A 165 21.03 -21.23 -33.75
CA THR A 165 20.08 -22.30 -33.48
C THR A 165 20.34 -22.94 -32.11
N LYS A 166 19.38 -23.72 -31.61
CA LYS A 166 19.41 -24.25 -30.26
C LYS A 166 20.60 -25.19 -30.01
N GLY A 167 21.36 -24.89 -28.96
CA GLY A 167 22.50 -25.70 -28.59
C GLY A 167 23.82 -25.18 -29.08
N LYS A 168 23.80 -24.23 -30.04
CA LYS A 168 25.03 -23.60 -30.46
C LYS A 168 25.59 -22.74 -29.33
N ARG A 169 26.90 -22.80 -29.20
CA ARG A 169 27.62 -22.05 -28.21
C ARG A 169 28.88 -21.56 -28.86
N ALA A 170 29.39 -20.47 -28.31
CA ALA A 170 30.55 -19.81 -28.86
C ALA A 170 31.34 -19.18 -27.72
N PRO A 171 32.68 -19.11 -27.88
CA PRO A 171 33.44 -18.34 -26.90
C PRO A 171 32.88 -16.90 -26.89
N PHE A 172 32.90 -16.27 -25.73
CA PHE A 172 32.49 -14.88 -25.59
C PHE A 172 33.39 -14.33 -24.52
N THR A 173 34.31 -13.48 -24.92
CA THR A 173 35.47 -13.20 -24.11
C THR A 173 35.75 -11.68 -23.97
N ASN A 174 36.50 -11.33 -22.94
CA ASN A 174 36.95 -9.97 -22.69
C ASN A 174 35.76 -8.98 -22.70
N PHE A 175 34.78 -9.25 -21.81
CA PHE A 175 33.61 -8.42 -21.69
C PHE A 175 33.25 -8.16 -20.23
N ASP A 176 32.98 -6.90 -19.91
CA ASP A 176 32.58 -6.47 -18.56
C ASP A 176 31.11 -5.98 -18.67
N PRO A 177 30.13 -6.78 -18.16
CA PRO A 177 28.69 -6.46 -18.22
C PRO A 177 28.23 -5.21 -17.47
N SER A 178 29.08 -4.69 -16.57
CA SER A 178 28.77 -3.45 -15.87
C SER A 178 28.67 -2.26 -16.84
N THR A 179 29.19 -2.41 -18.06
CA THR A 179 29.07 -1.39 -19.09
C THR A 179 27.64 -1.31 -19.62
N LEU A 180 26.85 -2.35 -19.36
CA LEU A 180 25.44 -2.37 -19.73
C LEU A 180 24.56 -1.76 -18.64
N LEU A 181 25.14 -1.48 -17.46
CA LEU A 181 24.33 -0.99 -16.36
C LEU A 181 24.05 0.51 -16.50
N PRO A 182 22.88 0.95 -15.96
CA PRO A 182 22.53 2.38 -15.98
C PRO A 182 23.50 3.24 -15.14
N SER A 183 23.59 4.54 -15.44
CA SER A 183 24.45 5.46 -14.67
C SER A 183 24.21 5.46 -13.15
N SER A 184 22.94 5.62 -12.76
CA SER A 184 22.54 5.61 -11.36
C SER A 184 22.22 4.18 -11.03
N LEU A 185 22.76 3.69 -9.91
CA LEU A 185 22.41 2.36 -9.41
C LEU A 185 21.45 2.39 -8.21
N ASP A 186 20.69 3.48 -8.09
CA ASP A 186 19.45 3.49 -7.29
C ASP A 186 18.56 2.32 -7.68
N PHE A 187 18.00 1.66 -6.68
CA PHE A 187 17.35 0.39 -6.90
C PHE A 187 16.22 0.12 -5.91
N TRP A 188 15.35 -0.81 -6.31
CA TRP A 188 14.48 -1.46 -5.37
C TRP A 188 14.98 -2.88 -5.18
N THR A 189 14.63 -3.48 -4.05
CA THR A 189 14.98 -4.85 -3.74
C THR A 189 13.78 -5.52 -3.12
N TYR A 190 13.58 -6.81 -3.43
CA TYR A 190 12.64 -7.68 -2.75
C TYR A 190 13.11 -9.13 -2.88
N PRO A 191 12.64 -10.03 -1.99
CA PRO A 191 12.94 -11.44 -2.11
C PRO A 191 12.04 -12.12 -3.15
N GLY A 192 12.66 -12.77 -4.13
CA GLY A 192 11.94 -13.30 -5.25
C GLY A 192 12.42 -14.63 -5.79
N SER A 193 12.12 -14.87 -7.06
CA SER A 193 12.44 -16.16 -7.64
C SER A 193 13.18 -16.02 -8.98
N LEU A 194 13.67 -17.14 -9.48
CA LEU A 194 13.95 -17.28 -10.90
C LEU A 194 12.64 -17.10 -11.65
N THR A 195 12.70 -16.49 -12.82
CA THR A 195 11.45 -16.18 -13.51
C THR A 195 11.02 -17.23 -14.54
N HIS A 196 11.77 -18.32 -14.63
CA HIS A 196 11.33 -19.50 -15.35
C HIS A 196 11.79 -20.78 -14.63
N PRO A 197 11.25 -21.95 -15.02
CA PRO A 197 11.69 -23.19 -14.42
C PRO A 197 13.20 -23.30 -14.33
N PRO A 198 13.71 -23.82 -13.20
CA PRO A 198 13.03 -24.45 -12.06
C PRO A 198 12.29 -23.50 -11.09
N LEU A 199 12.40 -22.18 -11.28
CA LEU A 199 11.61 -21.19 -10.51
C LEU A 199 11.85 -21.14 -8.99
N TYR A 200 13.07 -21.50 -8.59
CA TYR A 200 13.50 -21.47 -7.20
C TYR A 200 13.40 -20.08 -6.58
N GLU A 201 12.87 -20.03 -5.35
CA GLU A 201 12.71 -18.80 -4.56
C GLU A 201 14.00 -18.39 -3.84
N SER A 202 15.06 -18.28 -4.64
CA SER A 202 16.41 -18.05 -4.15
C SER A 202 16.99 -16.70 -4.55
N VAL A 203 16.19 -15.83 -5.16
CA VAL A 203 16.74 -14.58 -5.69
C VAL A 203 16.44 -13.35 -4.83
N THR A 204 17.48 -12.63 -4.42
CA THR A 204 17.25 -11.26 -4.00
C THR A 204 17.37 -10.38 -5.24
N TRP A 205 16.24 -9.83 -5.68
CA TRP A 205 16.23 -8.96 -6.85
C TRP A 205 16.74 -7.57 -6.56
N ILE A 206 17.60 -7.07 -7.44
CA ILE A 206 18.01 -5.66 -7.38
C ILE A 206 17.48 -5.01 -8.64
N ILE A 207 16.36 -4.30 -8.54
CA ILE A 207 15.77 -3.69 -9.72
C ILE A 207 16.15 -2.21 -9.82
N CYS A 208 16.89 -1.86 -10.88
CA CYS A 208 17.31 -0.48 -11.11
C CYS A 208 16.15 0.48 -11.39
N LYS A 209 16.18 1.62 -10.71
CA LYS A 209 15.28 2.72 -10.96
C LYS A 209 15.41 3.24 -12.42
N GLU A 210 16.65 3.42 -12.86
CA GLU A 210 16.95 3.87 -14.22
C GLU A 210 16.98 2.77 -15.23
N SER A 211 16.30 2.99 -16.34
CA SER A 211 16.31 2.07 -17.46
C SER A 211 17.53 2.31 -18.35
N ILE A 212 17.70 1.42 -19.34
CA ILE A 212 18.63 1.63 -20.44
C ILE A 212 17.86 1.54 -21.76
N SER A 213 18.42 2.11 -22.81
CA SER A 213 17.79 2.12 -24.13
CA SER A 213 17.80 2.12 -24.13
C SER A 213 18.09 0.88 -24.97
N VAL A 214 17.21 0.64 -25.91
CA VAL A 214 17.37 -0.41 -26.89
C VAL A 214 16.51 0.09 -28.04
N SER A 215 17.01 -0.08 -29.27
CA SER A 215 16.28 0.25 -30.47
C SER A 215 15.36 -0.92 -30.81
N SER A 216 14.32 -0.58 -31.59
CA SER A 216 13.31 -1.53 -32.07
C SER A 216 13.95 -2.63 -32.91
N GLU A 217 15.09 -2.33 -33.54
CA GLU A 217 15.78 -3.25 -34.47
C GLU A 217 16.72 -4.19 -33.70
N GLN A 218 17.38 -3.62 -32.69
CA GLN A 218 18.08 -4.43 -31.69
C GLN A 218 17.16 -5.51 -31.08
N LEU A 219 15.95 -5.13 -30.66
CA LEU A 219 14.98 -6.13 -30.21
C LEU A 219 14.69 -7.21 -31.27
N ALA A 220 14.58 -6.78 -32.54
CA ALA A 220 14.25 -7.70 -33.62
C ALA A 220 15.37 -8.72 -33.77
N GLN A 221 16.59 -8.31 -33.44
CA GLN A 221 17.74 -9.22 -33.39
C GLN A 221 17.60 -10.36 -32.37
N PHE A 222 17.13 -10.05 -31.16
CA PHE A 222 16.74 -11.06 -30.17
C PHE A 222 15.76 -12.04 -30.79
N ARG A 223 14.68 -11.49 -31.36
CA ARG A 223 13.59 -12.31 -31.90
C ARG A 223 14.01 -13.11 -33.15
N SER A 224 15.14 -12.73 -33.75
CA SER A 224 15.72 -13.49 -34.87
C SER A 224 16.33 -14.78 -34.45
N LEU A 225 16.76 -14.87 -33.20
CA LEU A 225 17.26 -16.16 -32.67
C LEU A 225 16.28 -17.29 -32.92
N LEU A 226 16.83 -18.46 -33.22
CA LEU A 226 16.01 -19.63 -33.48
C LEU A 226 15.98 -20.63 -32.33
N SER A 227 14.78 -21.07 -31.99
CA SER A 227 14.52 -22.04 -30.93
C SER A 227 14.71 -23.52 -31.35
N ASN A 228 14.69 -23.75 -32.66
CA ASN A 228 14.90 -25.06 -33.28
C ASN A 228 16.39 -25.40 -33.41
N VAL A 229 16.70 -26.68 -33.66
CA VAL A 229 18.06 -27.13 -33.97
C VAL A 229 18.36 -26.88 -35.44
N GLU A 230 19.64 -26.75 -35.74
CA GLU A 230 20.11 -26.60 -37.11
C GLU A 230 19.47 -27.66 -38.00
N GLY A 231 18.86 -27.24 -39.11
CA GLY A 231 18.27 -28.20 -40.04
C GLY A 231 16.77 -28.32 -39.95
N ASP A 232 16.18 -28.02 -38.79
CA ASP A 232 14.73 -28.12 -38.65
C ASP A 232 14.10 -26.86 -39.18
N ASN A 233 12.77 -26.84 -39.30
CA ASN A 233 12.06 -25.63 -39.74
C ASN A 233 12.34 -24.55 -38.72
N ALA A 234 12.43 -23.32 -39.20
CA ALA A 234 12.75 -22.21 -38.32
C ALA A 234 11.59 -21.92 -37.37
N VAL A 235 11.90 -21.76 -36.08
CA VAL A 235 10.95 -21.25 -35.10
C VAL A 235 11.67 -20.18 -34.30
N PRO A 236 11.44 -18.90 -34.63
CA PRO A 236 12.17 -17.83 -33.92
C PRO A 236 11.71 -17.65 -32.47
N MET A 237 12.57 -17.08 -31.64
CA MET A 237 12.23 -16.87 -30.23
C MET A 237 11.47 -15.58 -30.10
N GLN A 238 10.16 -15.63 -30.34
CA GLN A 238 9.36 -14.42 -30.34
C GLN A 238 9.22 -13.73 -28.96
N HIS A 239 9.27 -14.50 -27.86
CA HIS A 239 9.10 -13.97 -26.49
C HIS A 239 9.48 -14.98 -25.40
N ASN A 240 9.78 -14.46 -24.21
CA ASN A 240 10.27 -15.26 -23.07
C ASN A 240 10.14 -14.53 -21.75
N ASN A 241 9.09 -13.73 -21.64
CA ASN A 241 8.82 -12.97 -20.44
C ASN A 241 7.61 -13.54 -19.69
N ARG A 242 7.76 -13.64 -18.37
CA ARG A 242 6.69 -14.14 -17.47
C ARG A 242 5.80 -12.99 -17.01
N PRO A 243 4.45 -13.20 -16.93
CA PRO A 243 3.58 -12.15 -16.39
C PRO A 243 3.96 -11.90 -14.93
N THR A 244 3.66 -10.73 -14.38
CA THR A 244 4.02 -10.45 -12.99
C THR A 244 3.14 -11.23 -12.02
N GLN A 245 3.70 -11.56 -10.87
CA GLN A 245 3.07 -12.53 -9.97
C GLN A 245 2.67 -11.82 -8.70
N PRO A 246 1.68 -12.37 -7.97
CA PRO A 246 1.26 -11.73 -6.72
C PRO A 246 2.34 -11.61 -5.63
N LEU A 247 2.38 -10.41 -5.04
CA LEU A 247 3.34 -9.99 -4.03
C LEU A 247 3.27 -10.79 -2.74
N LYS A 248 2.07 -11.32 -2.45
CA LYS A 248 1.82 -12.12 -1.25
C LYS A 248 2.36 -11.53 0.04
N GLY A 249 2.16 -10.24 0.22
CA GLY A 249 2.53 -9.60 1.46
C GLY A 249 4.00 -9.24 1.55
N ARG A 250 4.74 -9.44 0.48
CA ARG A 250 6.15 -8.98 0.45
C ARG A 250 6.28 -7.46 0.39
N THR A 251 7.41 -6.97 0.87
CA THR A 251 7.74 -5.55 0.81
C THR A 251 8.91 -5.28 -0.14
N VAL A 252 8.71 -4.36 -1.07
CA VAL A 252 9.83 -3.88 -1.88
C VAL A 252 10.41 -2.59 -1.29
N ARG A 253 11.68 -2.67 -0.92
CA ARG A 253 12.39 -1.56 -0.35
C ARG A 253 13.00 -0.77 -1.49
N ALA A 254 13.08 0.55 -1.28
CA ALA A 254 13.79 1.49 -2.15
C ALA A 254 15.05 2.05 -1.48
N SER A 255 16.16 2.06 -2.22
CA SER A 255 17.40 2.69 -1.77
C SER A 255 17.38 4.22 -1.82
N PHE A 256 16.37 4.78 -2.47
CA PHE A 256 16.36 6.20 -2.78
C PHE A 256 14.98 6.77 -2.46
N TRP B 1 -28.30 -3.79 11.08
CA TRP B 1 -28.73 -2.37 11.31
C TRP B 1 -28.27 -1.44 10.18
N GLY B 2 -28.97 -0.32 10.01
CA GLY B 2 -28.65 0.66 8.98
C GLY B 2 -29.32 1.99 9.28
N TYR B 3 -29.58 2.78 8.24
CA TYR B 3 -30.18 4.10 8.37
C TYR B 3 -31.46 4.30 7.56
N ASP B 4 -31.82 3.35 6.71
CA ASP B 4 -33.12 3.39 6.03
C ASP B 4 -34.25 2.82 6.92
N ASP B 5 -35.51 2.85 6.46
CA ASP B 5 -36.67 2.46 7.30
C ASP B 5 -36.74 0.99 7.75
N LYS B 6 -36.07 0.09 7.03
CA LYS B 6 -36.02 -1.32 7.38
C LYS B 6 -35.16 -1.53 8.61
N ASN B 7 -34.01 -0.87 8.65
CA ASN B 7 -32.99 -1.14 9.67
C ASN B 7 -32.48 0.09 10.46
N GLY B 8 -33.15 1.22 10.33
CA GLY B 8 -32.71 2.51 10.92
C GLY B 8 -32.99 2.76 12.39
N PRO B 9 -32.59 3.95 12.90
CA PRO B 9 -32.68 4.31 14.31
C PRO B 9 -33.94 3.86 15.07
N GLU B 10 -35.09 3.96 14.39
CA GLU B 10 -36.41 3.64 14.92
C GLU B 10 -36.59 2.20 15.40
N GLN B 11 -35.97 1.26 14.71
CA GLN B 11 -36.06 -0.13 15.15
C GLN B 11 -34.71 -0.76 15.58
N TRP B 12 -33.71 0.09 15.86
CA TRP B 12 -32.47 -0.39 16.49
C TRP B 12 -32.71 -1.07 17.84
N SER B 13 -33.74 -0.64 18.58
CA SER B 13 -34.08 -1.20 19.90
C SER B 13 -34.41 -2.70 19.90
N LYS B 14 -34.86 -3.21 18.74
CA LYS B 14 -35.14 -4.64 18.59
C LYS B 14 -33.91 -5.52 18.74
N LEU B 15 -32.84 -5.19 18.02
CA LEU B 15 -31.58 -5.92 18.13
C LEU B 15 -30.64 -5.31 19.16
N TYR B 16 -30.83 -4.02 19.48
CA TYR B 16 -29.95 -3.34 20.43
C TYR B 16 -30.78 -2.61 21.47
N PRO B 17 -31.30 -3.36 22.48
CA PRO B 17 -32.23 -2.77 23.47
C PRO B 17 -31.70 -1.57 24.28
N ILE B 18 -30.37 -1.46 24.41
CA ILE B 18 -29.73 -0.24 24.96
C ILE B 18 -30.09 1.06 24.23
N ALA B 19 -30.63 0.94 23.01
CA ALA B 19 -31.15 2.09 22.24
C ALA B 19 -32.13 2.99 23.03
N ASN B 20 -32.94 2.36 23.88
CA ASN B 20 -33.78 3.08 24.83
C ASN B 20 -33.19 3.37 26.23
N GLY B 21 -31.87 3.34 26.36
CA GLY B 21 -31.24 3.58 27.65
C GLY B 21 -31.35 5.02 28.13
N ASN B 22 -30.74 5.28 29.29
CA ASN B 22 -30.75 6.58 29.94
C ASN B 22 -29.53 7.47 29.62
N ASN B 23 -28.54 6.91 28.92
CA ASN B 23 -27.37 7.70 28.49
C ASN B 23 -27.08 7.55 27.01
N GLN B 24 -28.14 7.65 26.22
CA GLN B 24 -28.06 7.59 24.77
C GLN B 24 -27.65 8.94 24.17
N SER B 25 -26.94 8.86 23.05
CA SER B 25 -26.48 10.01 22.27
C SER B 25 -26.94 9.84 20.81
N PRO B 26 -27.15 10.95 20.07
CA PRO B 26 -26.91 12.37 20.46
C PRO B 26 -28.00 13.03 21.27
N VAL B 27 -27.75 14.24 21.74
CA VAL B 27 -28.75 15.00 22.46
C VAL B 27 -28.80 16.45 22.01
N ASP B 28 -29.79 17.16 22.53
CA ASP B 28 -29.91 18.57 22.31
C ASP B 28 -29.26 19.30 23.48
N ILE B 29 -28.28 20.13 23.13
CA ILE B 29 -27.69 21.06 24.07
C ILE B 29 -28.52 22.35 24.14
N LYS B 30 -29.13 22.56 25.31
CA LYS B 30 -29.88 23.78 25.61
C LYS B 30 -29.00 24.69 26.44
N THR B 31 -28.52 25.75 25.82
CA THR B 31 -27.46 26.57 26.43
C THR B 31 -27.92 27.25 27.71
N SER B 32 -29.24 27.44 27.86
CA SER B 32 -29.78 28.05 29.08
C SER B 32 -29.78 27.11 30.28
N GLU B 33 -29.76 25.81 30.01
CA GLU B 33 -29.74 24.82 31.07
C GLU B 33 -28.39 24.14 31.31
N THR B 34 -27.37 24.56 30.57
CA THR B 34 -26.02 24.04 30.78
C THR B 34 -25.42 24.66 32.05
N LYS B 35 -24.57 23.92 32.74
CA LYS B 35 -24.04 24.33 34.03
C LYS B 35 -22.53 24.46 33.95
N HIS B 36 -22.00 25.57 34.39
CA HIS B 36 -20.56 25.71 34.38
C HIS B 36 -19.93 24.96 35.55
N ASP B 37 -19.13 23.96 35.22
CA ASP B 37 -18.38 23.20 36.21
C ASP B 37 -16.98 23.82 36.33
N THR B 38 -16.74 24.35 37.52
CA THR B 38 -15.51 25.05 37.91
C THR B 38 -14.27 24.09 37.98
N SER B 39 -14.52 22.78 38.10
CA SER B 39 -13.44 21.78 38.17
C SER B 39 -12.89 21.37 36.79
N LEU B 40 -13.63 21.72 35.73
CA LEU B 40 -13.20 21.52 34.33
C LEU B 40 -11.86 22.22 34.02
N LYS B 41 -11.03 21.57 33.24
CA LYS B 41 -9.80 22.19 32.77
C LYS B 41 -9.94 22.43 31.27
N PRO B 42 -9.07 23.26 30.68
CA PRO B 42 -9.02 23.28 29.21
C PRO B 42 -8.70 21.92 28.62
N ILE B 43 -9.20 21.67 27.41
CA ILE B 43 -8.91 20.48 26.65
C ILE B 43 -7.52 20.68 26.06
N SER B 44 -6.75 19.61 26.07
CA SER B 44 -5.48 19.55 25.37
C SER B 44 -5.49 18.33 24.45
N VAL B 45 -5.32 18.56 23.16
CA VAL B 45 -5.02 17.45 22.26
C VAL B 45 -3.58 17.60 21.73
N SER B 46 -2.85 16.49 21.65
CA SER B 46 -1.59 16.47 20.92
C SER B 46 -1.49 15.16 20.15
N TYR B 47 -1.63 15.27 18.84
CA TYR B 47 -1.64 14.10 18.01
C TYR B 47 -0.42 14.09 17.12
N ASN B 48 0.18 12.92 16.97
CA ASN B 48 1.35 12.73 16.11
C ASN B 48 0.84 12.32 14.75
N PRO B 49 1.17 13.10 13.69
CA PRO B 49 0.66 12.76 12.35
C PRO B 49 1.14 11.39 11.88
N ALA B 50 2.21 10.87 12.50
CA ALA B 50 2.77 9.54 12.15
C ALA B 50 1.97 8.34 12.73
N THR B 51 0.96 8.63 13.54
CA THR B 51 0.06 7.58 14.03
C THR B 51 -1.11 7.30 13.08
N ALA B 52 -1.32 8.17 12.07
CA ALA B 52 -2.32 7.88 11.05
C ALA B 52 -1.98 6.59 10.30
N LYS B 53 -3.00 5.73 10.13
CA LYS B 53 -2.79 4.36 9.64
CA LYS B 53 -2.81 4.35 9.67
C LYS B 53 -3.53 4.05 8.34
N GLU B 54 -4.85 4.09 8.37
CA GLU B 54 -5.68 3.57 7.28
C GLU B 54 -7.01 4.32 7.20
N ILE B 55 -7.64 4.24 6.04
CA ILE B 55 -9.03 4.68 5.84
C ILE B 55 -9.83 3.49 5.33
N ILE B 56 -11.02 3.28 5.90
CA ILE B 56 -11.84 2.09 5.61
C ILE B 56 -13.29 2.47 5.29
N ASN B 57 -13.87 1.84 4.29
CA ASN B 57 -15.27 1.99 4.01
C ASN B 57 -16.02 0.92 4.81
N VAL B 58 -16.85 1.39 5.75
CA VAL B 58 -17.53 0.47 6.67
C VAL B 58 -18.99 0.25 6.32
N GLY B 59 -19.37 0.66 5.10
CA GLY B 59 -20.72 0.38 4.59
C GLY B 59 -21.75 1.43 4.96
N HIS B 60 -21.77 1.85 6.22
CA HIS B 60 -22.69 2.94 6.65
C HIS B 60 -21.90 4.24 6.75
N SER B 61 -20.58 4.11 6.69
CA SER B 61 -19.67 5.24 6.89
C SER B 61 -18.27 4.93 6.36
N PHE B 62 -17.33 5.78 6.73
CA PHE B 62 -15.92 5.53 6.51
C PHE B 62 -15.19 6.02 7.75
N HIS B 63 -14.19 5.25 8.15
CA HIS B 63 -13.41 5.53 9.34
C HIS B 63 -11.99 5.83 8.92
N VAL B 64 -11.36 6.81 9.55
CA VAL B 64 -9.91 6.97 9.45
C VAL B 64 -9.37 6.53 10.79
N ASN B 65 -8.61 5.44 10.77
CA ASN B 65 -8.06 4.83 11.99
C ASN B 65 -6.57 5.14 12.21
N PHE B 66 -6.20 5.06 13.49
CA PHE B 66 -4.87 5.42 13.96
C PHE B 66 -4.22 4.28 14.72
N GLU B 67 -2.90 4.19 14.61
CA GLU B 67 -2.11 3.35 15.51
C GLU B 67 -2.36 3.76 16.94
N ASP B 68 -2.71 2.79 17.78
CA ASP B 68 -3.06 3.08 19.16
C ASP B 68 -2.38 2.13 20.16
N ASN B 69 -1.11 1.87 19.90
CA ASN B 69 -0.27 1.05 20.77
C ASN B 69 0.56 1.93 21.72
N ASP B 70 0.51 3.22 21.43
CA ASP B 70 1.27 4.23 22.16
CA ASP B 70 1.27 4.22 22.18
CA ASP B 70 1.28 4.30 22.07
C ASP B 70 0.38 5.37 22.64
N ASN B 71 1.00 6.33 23.32
CA ASN B 71 0.38 7.59 23.67
C ASN B 71 1.06 8.73 22.91
N ARG B 72 1.52 8.45 21.68
CA ARG B 72 1.98 9.51 20.78
C ARG B 72 0.90 10.57 20.47
N SER B 73 -0.36 10.13 20.37
CA SER B 73 -1.51 11.04 20.14
C SER B 73 -2.54 10.92 21.24
N VAL B 74 -2.63 11.92 22.11
CA VAL B 74 -3.59 11.83 23.24
C VAL B 74 -4.55 13.01 23.43
N LEU B 75 -5.65 12.73 24.12
CA LEU B 75 -6.54 13.76 24.64
C LEU B 75 -6.44 13.78 26.15
N LYS B 76 -6.43 14.98 26.73
CA LYS B 76 -6.48 15.16 28.20
C LYS B 76 -7.09 16.50 28.64
N GLY B 77 -7.36 16.61 29.94
CA GLY B 77 -7.95 17.83 30.51
C GLY B 77 -9.44 17.74 30.35
N GLY B 78 -10.14 18.87 30.33
CA GLY B 78 -11.60 18.83 30.28
C GLY B 78 -12.16 18.24 31.54
N PRO B 79 -13.07 17.25 31.43
CA PRO B 79 -13.54 16.58 32.64
C PRO B 79 -12.63 15.41 33.03
N PHE B 80 -11.52 15.20 32.33
CA PHE B 80 -10.71 13.99 32.54
C PHE B 80 -9.54 14.19 33.48
N SER B 81 -9.30 13.20 34.33
CA SER B 81 -8.07 13.14 35.12
C SER B 81 -7.07 12.23 34.43
N ASP B 82 -7.56 11.46 33.45
CA ASP B 82 -6.75 10.45 32.73
C ASP B 82 -6.53 10.91 31.30
N SER B 83 -5.46 10.41 30.69
CA SER B 83 -5.20 10.61 29.27
C SER B 83 -5.94 9.57 28.38
N TYR B 84 -6.41 10.01 27.21
CA TYR B 84 -7.16 9.17 26.27
C TYR B 84 -6.40 9.10 24.96
N ARG B 85 -6.24 7.88 24.45
CA ARG B 85 -5.51 7.59 23.23
C ARG B 85 -6.45 7.66 21.99
N LEU B 86 -6.06 8.51 21.05
CA LEU B 86 -6.70 8.63 19.76
C LEU B 86 -6.68 7.30 18.99
N PHE B 87 -7.81 6.95 18.37
CA PHE B 87 -7.80 5.80 17.48
C PHE B 87 -8.55 6.01 16.19
N GLN B 88 -9.39 7.04 16.12
CA GLN B 88 -10.28 7.18 14.97
C GLN B 88 -10.93 8.54 14.84
N PHE B 89 -11.19 8.96 13.60
CA PHE B 89 -12.22 9.97 13.37
C PHE B 89 -13.11 9.52 12.22
N HIS B 90 -14.32 10.06 12.19
CA HIS B 90 -15.32 9.77 11.16
C HIS B 90 -16.32 10.91 11.14
N PHE B 91 -17.28 10.84 10.23
CA PHE B 91 -18.25 11.92 10.11
C PHE B 91 -19.68 11.34 10.07
N HIS B 92 -20.62 12.21 10.39
CA HIS B 92 -22.02 11.97 10.16
C HIS B 92 -22.56 13.07 9.29
N TRP B 93 -23.41 12.69 8.34
CA TRP B 93 -24.04 13.62 7.43
C TRP B 93 -25.51 13.25 7.18
N GLY B 94 -26.21 14.10 6.42
CA GLY B 94 -27.62 13.86 6.06
C GLY B 94 -27.93 13.90 4.57
N SER B 95 -29.20 13.68 4.23
CA SER B 95 -29.65 13.59 2.82
C SER B 95 -29.49 14.91 2.08
N THR B 96 -29.62 16.00 2.81
CA THR B 96 -29.54 17.36 2.27
C THR B 96 -28.48 18.07 3.08
N ASN B 97 -27.98 19.19 2.56
CA ASN B 97 -26.93 19.96 3.23
C ASN B 97 -27.41 20.68 4.51
N GLU B 98 -28.69 20.49 4.83
CA GLU B 98 -29.38 20.98 6.02
C GLU B 98 -29.58 19.87 7.09
N HIS B 99 -29.67 18.61 6.67
CA HIS B 99 -29.83 17.46 7.58
C HIS B 99 -28.56 17.30 8.39
N GLY B 100 -27.93 16.14 8.34
CA GLY B 100 -26.53 16.14 8.75
C GLY B 100 -26.05 15.81 10.14
N SER B 101 -26.07 16.79 11.05
CA SER B 101 -25.41 16.61 12.34
C SER B 101 -26.18 15.65 13.25
N GLU B 102 -25.54 15.18 14.30
CA GLU B 102 -26.25 14.40 15.30
C GLU B 102 -26.68 15.24 16.50
N HIS B 103 -25.71 15.82 17.20
CA HIS B 103 -26.01 16.80 18.22
C HIS B 103 -26.70 18.00 17.63
N THR B 104 -27.51 18.65 18.46
CA THR B 104 -28.18 19.90 18.10
C THR B 104 -27.92 20.86 19.25
N VAL B 105 -28.03 22.16 18.95
CA VAL B 105 -27.81 23.22 19.96
C VAL B 105 -28.98 24.18 19.89
N ASP B 106 -29.75 24.22 20.98
CA ASP B 106 -30.95 25.05 21.11
C ASP B 106 -31.92 24.68 19.99
N GLY B 107 -31.95 23.38 19.72
CA GLY B 107 -32.84 22.76 18.75
C GLY B 107 -32.36 22.79 17.32
N VAL B 108 -31.26 23.51 17.07
CA VAL B 108 -30.72 23.69 15.71
C VAL B 108 -29.79 22.53 15.33
N LYS B 109 -30.14 21.85 14.25
CA LYS B 109 -29.33 20.78 13.69
C LYS B 109 -28.42 21.42 12.66
N TYR B 110 -27.14 21.07 12.71
CA TYR B 110 -26.17 21.54 11.73
C TYR B 110 -26.16 20.63 10.50
N SER B 111 -25.27 20.90 9.55
CA SER B 111 -25.24 20.12 8.29
C SER B 111 -24.59 18.72 8.42
N ALA B 112 -23.62 18.61 9.31
CA ALA B 112 -22.82 17.38 9.47
C ALA B 112 -22.06 17.49 10.75
N GLU B 113 -21.37 16.41 11.11
CA GLU B 113 -20.70 16.36 12.39
C GLU B 113 -19.43 15.54 12.33
N LEU B 114 -18.37 16.08 12.93
CA LEU B 114 -17.12 15.36 13.08
C LEU B 114 -17.00 14.71 14.46
N HIS B 115 -16.66 13.43 14.46
CA HIS B 115 -16.34 12.72 15.70
C HIS B 115 -14.88 12.28 15.72
N VAL B 116 -14.18 12.62 16.78
CA VAL B 116 -12.75 12.25 16.92
C VAL B 116 -12.70 11.41 18.13
N ALA B 117 -12.36 10.12 17.94
CA ALA B 117 -12.55 9.15 19.04
C ALA B 117 -11.26 8.67 19.75
N HIS B 118 -11.35 8.54 21.06
CA HIS B 118 -10.21 8.17 21.91
C HIS B 118 -10.68 7.08 22.91
N TRP B 119 -9.75 6.23 23.33
CA TRP B 119 -10.03 5.25 24.39
C TRP B 119 -9.13 5.42 25.63
N ASN B 120 -9.68 5.05 26.80
CA ASN B 120 -9.01 5.27 28.08
C ASN B 120 -7.81 4.34 28.31
N SER B 121 -6.64 4.80 27.90
CA SER B 121 -5.41 3.99 28.01
C SER B 121 -4.77 3.99 29.43
N ALA B 122 -5.25 4.88 30.30
CA ALA B 122 -4.87 4.82 31.72
C ALA B 122 -5.49 3.62 32.38
N LYS B 123 -6.76 3.31 32.07
CA LYS B 123 -7.55 2.29 32.74
C LYS B 123 -7.57 0.92 32.05
N TYR B 124 -7.53 0.94 30.72
CA TYR B 124 -7.75 -0.26 29.94
C TYR B 124 -6.59 -0.43 28.98
N SER B 125 -6.49 -1.58 28.34
CA SER B 125 -5.30 -1.81 27.52
C SER B 125 -5.59 -2.05 26.04
N SER B 126 -6.87 -2.03 25.68
CA SER B 126 -7.27 -2.04 24.29
C SER B 126 -8.60 -1.29 24.10
N LEU B 127 -8.76 -0.76 22.90
CA LEU B 127 -10.06 -0.34 22.45
C LEU B 127 -11.19 -1.38 22.77
N ALA B 128 -10.97 -2.65 22.42
CA ALA B 128 -11.95 -3.71 22.69
C ALA B 128 -12.43 -3.73 24.14
N GLU B 129 -11.47 -3.72 25.06
CA GLU B 129 -11.72 -3.63 26.50
C GLU B 129 -12.43 -2.34 26.92
N ALA B 130 -11.93 -1.19 26.42
CA ALA B 130 -12.48 0.12 26.78
C ALA B 130 -13.92 0.36 26.34
N ALA B 131 -14.29 -0.14 25.15
CA ALA B 131 -15.53 0.18 24.43
C ALA B 131 -16.83 0.06 25.21
N SER B 132 -16.83 -0.86 26.15
CA SER B 132 -18.03 -1.23 26.89
C SER B 132 -18.14 -0.60 28.30
N LYS B 133 -17.18 0.25 28.66
CA LYS B 133 -17.01 0.76 30.02
C LYS B 133 -17.46 2.21 30.11
N ALA B 134 -18.19 2.54 31.17
CA ALA B 134 -18.71 3.89 31.39
C ALA B 134 -17.68 5.00 31.14
N ASP B 135 -16.44 4.75 31.53
CA ASP B 135 -15.33 5.72 31.44
C ASP B 135 -14.29 5.33 30.38
N GLY B 136 -14.70 4.47 29.44
CA GLY B 136 -13.81 3.92 28.41
C GLY B 136 -13.53 4.80 27.20
N LEU B 137 -14.48 5.65 26.82
CA LEU B 137 -14.29 6.44 25.58
C LEU B 137 -14.56 7.94 25.72
N ALA B 138 -13.82 8.73 24.95
CA ALA B 138 -14.00 10.15 24.88
C ALA B 138 -14.04 10.55 23.42
N VAL B 139 -15.14 11.18 23.03
CA VAL B 139 -15.33 11.64 21.66
C VAL B 139 -15.52 13.14 21.62
N ILE B 140 -14.70 13.79 20.81
CA ILE B 140 -14.89 15.17 20.49
C ILE B 140 -15.87 15.20 19.32
N GLY B 141 -16.94 15.98 19.48
CA GLY B 141 -17.83 16.29 18.40
C GLY B 141 -17.69 17.75 18.02
N VAL B 142 -17.61 17.99 16.72
CA VAL B 142 -17.56 19.31 16.12
C VAL B 142 -18.70 19.41 15.12
N LEU B 143 -19.59 20.39 15.30
CA LEU B 143 -20.67 20.63 14.34
C LEU B 143 -20.10 21.28 13.09
N MET B 144 -20.62 20.86 11.95
CA MET B 144 -20.22 21.38 10.64
C MET B 144 -21.38 22.15 10.04
N LYS B 145 -21.08 23.36 9.55
CA LYS B 145 -22.07 24.29 9.06
C LYS B 145 -21.79 24.52 7.57
N VAL B 146 -22.80 24.24 6.75
CA VAL B 146 -22.59 24.38 5.31
C VAL B 146 -22.29 25.85 4.98
N GLY B 147 -21.18 26.05 4.24
CA GLY B 147 -20.81 27.35 3.76
C GLY B 147 -19.66 27.19 2.81
N GLU B 148 -18.54 27.78 3.17
CA GLU B 148 -17.32 27.78 2.37
C GLU B 148 -16.62 26.41 2.47
N ALA B 149 -15.98 25.97 1.39
CA ALA B 149 -15.21 24.73 1.41
C ALA B 149 -14.19 24.80 2.52
N ASN B 150 -13.92 23.65 3.12
CA ASN B 150 -13.02 23.53 4.26
C ASN B 150 -11.74 22.86 3.73
N PRO B 151 -10.61 23.60 3.70
CA PRO B 151 -9.36 23.09 3.09
C PRO B 151 -8.64 21.99 3.88
N LYS B 152 -8.80 22.01 5.20
CA LYS B 152 -8.27 20.94 6.07
C LYS B 152 -8.94 19.60 5.78
N LEU B 153 -10.21 19.63 5.38
CA LEU B 153 -10.93 18.42 5.03
C LEU B 153 -10.46 17.74 3.75
N GLN B 154 -9.80 18.52 2.90
CA GLN B 154 -9.40 18.11 1.54
C GLN B 154 -8.57 16.85 1.46
N LYS B 155 -7.55 16.73 2.31
CA LYS B 155 -6.76 15.49 2.30
C LYS B 155 -7.60 14.24 2.53
N VAL B 156 -8.61 14.34 3.43
CA VAL B 156 -9.53 13.20 3.75
C VAL B 156 -10.42 12.80 2.56
N LEU B 157 -11.07 13.82 2.01
CA LEU B 157 -11.91 13.70 0.83
C LEU B 157 -11.21 13.11 -0.37
N ASP B 158 -9.93 13.49 -0.57
CA ASP B 158 -9.15 12.94 -1.70
C ASP B 158 -8.90 11.46 -1.57
N ALA B 159 -8.86 10.93 -0.35
CA ALA B 159 -8.64 9.48 -0.14
C ALA B 159 -9.89 8.62 -0.44
N LEU B 160 -11.07 9.25 -0.43
CA LEU B 160 -12.34 8.56 -0.64
C LEU B 160 -12.43 7.69 -1.92
N GLN B 161 -11.71 8.06 -2.97
CA GLN B 161 -11.73 7.31 -4.22
C GLN B 161 -11.15 5.88 -4.13
N ALA B 162 -10.19 5.66 -3.24
CA ALA B 162 -9.58 4.35 -3.02
C ALA B 162 -10.36 3.44 -2.07
N ILE B 163 -11.47 3.95 -1.50
CA ILE B 163 -12.32 3.14 -0.60
C ILE B 163 -13.82 3.26 -0.97
N LYS B 164 -14.09 3.14 -2.27
CA LYS B 164 -15.40 3.48 -2.82
C LYS B 164 -16.54 2.59 -2.30
N THR B 165 -16.26 1.31 -2.17
CA THR B 165 -17.30 0.34 -1.80
C THR B 165 -17.06 -0.31 -0.44
N LYS B 166 -18.09 -0.96 0.10
CA LYS B 166 -18.05 -1.55 1.46
C LYS B 166 -16.95 -2.58 1.66
N GLY B 167 -16.07 -2.34 2.63
CA GLY B 167 -15.00 -3.25 2.95
C GLY B 167 -13.64 -2.87 2.39
N LYS B 168 -13.62 -1.95 1.41
CA LYS B 168 -12.35 -1.47 0.88
C LYS B 168 -11.56 -0.70 1.94
N ARG B 169 -10.25 -0.94 1.96
CA ARG B 169 -9.34 -0.22 2.85
C ARG B 169 -8.12 0.28 2.13
N ALA B 170 -7.60 1.41 2.62
CA ALA B 170 -6.39 1.99 2.10
C ALA B 170 -5.49 2.60 3.19
N PRO B 171 -4.16 2.57 2.98
CA PRO B 171 -3.33 3.38 3.85
C PRO B 171 -3.73 4.86 3.84
N PHE B 172 -3.56 5.48 4.99
CA PHE B 172 -3.87 6.87 5.18
C PHE B 172 -2.89 7.25 6.27
N THR B 173 -1.86 7.98 5.87
CA THR B 173 -0.72 8.25 6.74
C THR B 173 -0.42 9.76 6.82
N ASN B 174 0.43 10.16 7.76
CA ASN B 174 0.86 11.55 7.86
C ASN B 174 -0.31 12.53 7.87
N PHE B 175 -1.12 12.41 8.91
CA PHE B 175 -2.24 13.31 9.10
C PHE B 175 -2.52 13.48 10.59
N ASP B 176 -2.55 14.74 11.03
CA ASP B 176 -2.87 15.10 12.41
C ASP B 176 -4.31 15.65 12.43
N PRO B 177 -5.29 14.88 12.98
CA PRO B 177 -6.70 15.31 12.90
C PRO B 177 -7.10 16.54 13.73
N SER B 178 -6.18 17.06 14.56
CA SER B 178 -6.54 18.22 15.39
C SER B 178 -6.61 19.46 14.52
N THR B 179 -5.96 19.42 13.35
CA THR B 179 -6.13 20.43 12.31
C THR B 179 -7.58 20.54 11.80
N LEU B 180 -8.43 19.53 12.10
CA LEU B 180 -9.87 19.64 11.73
C LEU B 180 -10.69 20.32 12.82
N LEU B 181 -10.04 20.60 13.95
CA LEU B 181 -10.73 21.13 15.11
C LEU B 181 -10.89 22.63 14.98
N PRO B 182 -11.94 23.20 15.62
CA PRO B 182 -12.07 24.67 15.69
C PRO B 182 -10.90 25.34 16.45
N SER B 183 -10.59 26.62 16.17
CA SER B 183 -9.52 27.34 16.90
C SER B 183 -9.77 27.20 18.38
N SER B 184 -10.97 27.58 18.81
CA SER B 184 -11.29 27.54 20.23
C SER B 184 -11.70 26.14 20.59
N LEU B 185 -11.18 25.63 21.71
CA LEU B 185 -11.61 24.34 22.24
C LEU B 185 -12.59 24.47 23.42
N ASP B 186 -13.36 25.57 23.43
CA ASP B 186 -14.48 25.71 24.33
C ASP B 186 -15.45 24.57 24.09
N PHE B 187 -16.02 24.04 25.15
CA PHE B 187 -16.77 22.80 25.02
C PHE B 187 -17.89 22.67 26.01
N TRP B 188 -18.88 21.85 25.64
CA TRP B 188 -19.81 21.27 26.59
C TRP B 188 -19.44 19.80 26.77
N THR B 189 -19.78 19.24 27.94
CA THR B 189 -19.60 17.80 28.16
C THR B 189 -20.79 17.12 28.86
N TYR B 190 -21.05 15.86 28.51
CA TYR B 190 -22.12 15.08 29.14
C TYR B 190 -21.77 13.59 28.93
N PRO B 191 -22.28 12.70 29.79
CA PRO B 191 -22.14 11.25 29.63
C PRO B 191 -23.16 10.69 28.61
N GLY B 192 -22.65 9.97 27.62
CA GLY B 192 -23.48 9.51 26.52
C GLY B 192 -23.10 8.15 25.95
N SER B 193 -23.46 7.95 24.70
CA SER B 193 -23.27 6.64 24.09
C SER B 193 -22.61 6.82 22.75
N LEU B 194 -22.18 5.71 22.16
CA LEU B 194 -21.95 5.69 20.71
C LEU B 194 -23.32 6.03 20.05
N THR B 195 -23.28 6.60 18.86
CA THR B 195 -24.55 7.02 18.20
C THR B 195 -25.09 6.03 17.16
N HIS B 196 -24.44 4.87 17.06
CA HIS B 196 -24.93 3.75 16.25
C HIS B 196 -24.60 2.42 16.96
N PRO B 197 -25.32 1.32 16.60
CA PRO B 197 -25.08 0.02 17.22
C PRO B 197 -23.60 -0.32 17.30
N PRO B 198 -23.17 -0.93 18.43
CA PRO B 198 -23.97 -1.47 19.55
C PRO B 198 -24.40 -0.47 20.62
N LEU B 199 -24.14 0.83 20.41
CA LEU B 199 -24.75 1.90 21.21
C LEU B 199 -24.36 1.85 22.68
N TYR B 200 -23.11 1.42 22.94
CA TYR B 200 -22.59 1.35 24.29
C TYR B 200 -22.64 2.72 24.96
N GLU B 201 -23.07 2.74 26.21
CA GLU B 201 -23.02 3.96 27.04
C GLU B 201 -21.67 4.22 27.72
N SER B 202 -20.67 4.38 26.86
CA SER B 202 -19.29 4.36 27.29
C SER B 202 -18.51 5.63 26.97
N VAL B 203 -19.21 6.68 26.51
CA VAL B 203 -18.59 7.86 25.88
C VAL B 203 -18.77 9.13 26.72
N THR B 204 -17.65 9.79 27.00
CA THR B 204 -17.75 11.13 27.57
C THR B 204 -17.64 12.06 26.40
N TRP B 205 -18.72 12.77 26.11
CA TRP B 205 -18.76 13.66 24.96
C TRP B 205 -18.12 14.99 25.25
N ILE B 206 -17.30 15.45 24.31
CA ILE B 206 -16.79 16.82 24.33
C ILE B 206 -17.28 17.47 23.05
N ILE B 207 -18.33 18.28 23.14
CA ILE B 207 -18.93 18.98 22.02
C ILE B 207 -18.42 20.41 21.94
N CYS B 208 -17.77 20.77 20.82
CA CYS B 208 -17.19 22.11 20.70
C CYS B 208 -18.26 23.19 20.55
N LYS B 209 -18.07 24.29 21.27
CA LYS B 209 -18.96 25.44 21.15
C LYS B 209 -18.81 26.09 19.75
N GLU B 210 -17.60 26.08 19.21
CA GLU B 210 -17.36 26.61 17.88
C GLU B 210 -17.52 25.53 16.80
N SER B 211 -18.26 25.84 15.73
CA SER B 211 -18.36 24.95 14.56
C SER B 211 -17.23 25.17 13.55
N ILE B 212 -17.14 24.25 12.58
CA ILE B 212 -16.32 24.40 11.37
C ILE B 212 -17.17 24.38 10.09
N SER B 213 -16.57 24.84 8.99
CA SER B 213 -17.31 24.97 7.74
C SER B 213 -17.27 23.68 6.92
N VAL B 214 -18.21 23.59 5.99
CA VAL B 214 -18.20 22.51 5.02
C VAL B 214 -18.91 23.00 3.75
N SER B 215 -18.37 22.67 2.58
CA SER B 215 -19.06 23.10 1.38
C SER B 215 -20.12 22.07 1.00
N SER B 216 -21.09 22.55 0.27
CA SER B 216 -22.11 21.71 -0.35
C SER B 216 -21.49 20.53 -1.15
N GLU B 217 -20.46 20.80 -1.90
CA GLU B 217 -19.80 19.82 -2.81
C GLU B 217 -18.98 18.80 -2.03
N GLN B 218 -18.43 19.24 -0.89
CA GLN B 218 -17.72 18.36 0.03
C GLN B 218 -18.65 17.34 0.69
N LEU B 219 -19.84 17.75 1.11
CA LEU B 219 -20.85 16.81 1.64
C LEU B 219 -21.32 15.84 0.55
N ALA B 220 -21.31 16.31 -0.70
CA ALA B 220 -21.63 15.44 -1.84
C ALA B 220 -20.54 14.37 -2.05
N GLN B 221 -19.28 14.69 -1.75
CA GLN B 221 -18.24 13.65 -1.76
C GLN B 221 -18.49 12.52 -0.72
N PHE B 222 -18.86 12.88 0.51
CA PHE B 222 -19.38 11.89 1.49
C PHE B 222 -20.45 10.95 0.91
N ARG B 223 -21.48 11.52 0.30
CA ARG B 223 -22.63 10.79 -0.20
C ARG B 223 -22.32 10.01 -1.48
N SER B 224 -21.12 10.18 -2.02
CA SER B 224 -20.68 9.42 -3.19
C SER B 224 -20.12 8.09 -2.81
N LEU B 225 -19.89 7.92 -1.51
CA LEU B 225 -19.44 6.62 -1.03
C LEU B 225 -20.59 5.66 -1.15
N LEU B 226 -20.22 4.40 -1.33
CA LEU B 226 -21.15 3.33 -1.62
C LEU B 226 -21.17 2.31 -0.48
N SER B 227 -22.37 1.92 -0.08
CA SER B 227 -22.59 0.93 0.99
C SER B 227 -22.60 -0.51 0.46
N ASN B 228 -22.69 -0.65 -0.86
CA ASN B 228 -22.67 -1.97 -1.48
C ASN B 228 -21.25 -2.47 -1.54
N VAL B 229 -21.07 -3.76 -1.77
CA VAL B 229 -19.75 -4.33 -2.03
C VAL B 229 -19.40 -4.20 -3.52
N GLU B 230 -18.11 -4.19 -3.84
CA GLU B 230 -17.63 -4.01 -5.21
C GLU B 230 -18.33 -4.97 -6.14
N GLY B 231 -18.78 -4.47 -7.28
CA GLY B 231 -19.39 -5.34 -8.29
C GLY B 231 -20.89 -5.30 -8.25
N ASP B 232 -21.46 -5.10 -7.05
CA ASP B 232 -22.91 -4.93 -6.94
C ASP B 232 -23.35 -3.57 -7.44
N ASN B 233 -24.66 -3.45 -7.66
CA ASN B 233 -25.27 -2.21 -8.09
C ASN B 233 -24.96 -1.16 -7.01
N ALA B 234 -24.45 0.00 -7.46
CA ALA B 234 -24.07 1.11 -6.59
C ALA B 234 -25.22 1.57 -5.68
N VAL B 235 -24.97 1.62 -4.38
CA VAL B 235 -25.95 2.16 -3.42
C VAL B 235 -25.29 3.25 -2.55
N PRO B 236 -25.51 4.54 -2.88
CA PRO B 236 -24.86 5.68 -2.22
C PRO B 236 -25.15 5.73 -0.72
N MET B 237 -24.19 6.23 0.04
CA MET B 237 -24.36 6.52 1.47
C MET B 237 -24.99 7.88 1.67
N GLN B 238 -26.32 7.97 1.55
CA GLN B 238 -27.08 9.23 1.62
C GLN B 238 -27.05 9.91 2.98
N HIS B 239 -27.11 9.11 4.05
CA HIS B 239 -27.20 9.63 5.43
C HIS B 239 -26.80 8.59 6.46
N ASN B 240 -26.32 9.08 7.61
CA ASN B 240 -25.93 8.24 8.73
C ASN B 240 -26.03 8.97 10.07
N ASN B 241 -27.02 9.84 10.21
CA ASN B 241 -27.15 10.61 11.43
C ASN B 241 -28.32 10.10 12.29
N ARG B 242 -28.08 9.95 13.60
CA ARG B 242 -29.18 9.51 14.50
C ARG B 242 -29.96 10.73 15.06
N PRO B 243 -31.30 10.64 15.22
CA PRO B 243 -32.07 11.70 15.88
C PRO B 243 -31.63 11.92 17.31
N THR B 244 -31.94 13.07 17.88
CA THR B 244 -31.60 13.30 19.28
C THR B 244 -32.44 12.42 20.23
N GLN B 245 -31.81 12.12 21.37
CA GLN B 245 -32.37 11.21 22.35
C GLN B 245 -32.68 12.00 23.65
N PRO B 246 -33.66 11.53 24.45
CA PRO B 246 -33.98 12.19 25.74
C PRO B 246 -32.81 12.24 26.72
N LEU B 247 -32.59 13.40 27.33
CA LEU B 247 -31.51 13.61 28.33
C LEU B 247 -31.62 12.75 29.58
N LYS B 248 -32.84 12.41 29.99
CA LYS B 248 -33.12 11.62 31.20
C LYS B 248 -32.31 12.08 32.43
N GLY B 249 -32.47 13.36 32.80
CA GLY B 249 -31.85 13.90 34.01
C GLY B 249 -30.38 14.26 33.96
N ARG B 250 -29.69 13.93 32.84
CA ARG B 250 -28.27 14.20 32.71
C ARG B 250 -28.02 15.68 32.63
N THR B 251 -26.90 16.11 33.19
CA THR B 251 -26.46 17.50 33.11
C THR B 251 -25.40 17.64 32.00
N VAL B 252 -25.54 18.72 31.24
CA VAL B 252 -24.57 19.15 30.27
C VAL B 252 -23.80 20.31 30.89
N ARG B 253 -22.54 20.04 31.23
CA ARG B 253 -21.63 21.03 31.79
C ARG B 253 -20.96 21.83 30.67
N ALA B 254 -20.80 23.13 30.90
CA ALA B 254 -20.17 24.02 29.97
C ALA B 254 -18.79 24.32 30.53
N SER B 255 -17.81 24.43 29.65
CA SER B 255 -16.50 24.93 30.02
C SER B 255 -16.51 26.45 30.18
N PHE B 256 -15.46 26.99 30.76
CA PHE B 256 -15.38 28.45 30.98
C PHE B 256 -15.61 29.30 29.72
#